data_2LBP
#
_entry.id   2LBP
#
_cell.length_a   68.800
_cell.length_b   69.340
_cell.length_c   74.280
_cell.angle_alpha   90.00
_cell.angle_beta   90.00
_cell.angle_gamma   90.00
#
_symmetry.space_group_name_H-M   'P 21 21 21'
#
loop_
_entity.id
_entity.type
_entity.pdbx_description
1 polymer 'LEUCINE-BINDING PROTEIN'
2 water water
#
_entity_poly.entity_id   1
_entity_poly.type   'polypeptide(L)'
_entity_poly.pdbx_seq_one_letter_code
;DDIKVAVVGAMSGPIAQWGIMEFNGAEQAIKDINAKGGIKGDKLVGVEYDDACDPKQAVAVANKIVNDGIKYVIGHLCSS
STQPASDIYEDEGILMISPGATAPELTQRGYQHIMRTAGLDSSQGPTAAKYILETVKPQRIAIIHDKQQYGEGLARSVQD
GLKAANANVVFFDGITAGEKDFSALIARLKKENIDFVYYGGYYPEMGQMLRQARSVGLKTQFMGPEGVGNASLSNIAGDA
AEGMLVTMPKRYDQDPANQGIVDALKADKKDPSGPYVWITYAAVQSLATALERTGSDEPLALVKDLKANGANTVIGPLNW
DEKGDLKGFDFGVFQWHADGSSTKAK
;
_entity_poly.pdbx_strand_id   A
#
# COMPACT_ATOMS: atom_id res chain seq x y z
N ASP A 1 7.86 32.78 -4.29
CA ASP A 1 9.18 32.33 -4.78
C ASP A 1 9.68 31.34 -3.73
N ASP A 2 8.74 31.01 -2.90
CA ASP A 2 8.74 30.08 -1.81
C ASP A 2 7.43 29.29 -1.88
N ILE A 3 7.30 28.23 -2.58
CA ILE A 3 6.01 27.49 -2.62
C ILE A 3 5.66 26.76 -1.36
N LYS A 4 4.57 27.07 -0.70
CA LYS A 4 4.10 26.43 0.55
C LYS A 4 3.28 25.17 0.25
N VAL A 5 3.54 24.03 0.76
CA VAL A 5 3.05 22.71 0.73
C VAL A 5 2.73 22.23 2.20
N ALA A 6 1.51 21.76 2.33
CA ALA A 6 1.05 21.22 3.60
C ALA A 6 1.28 19.72 3.66
N VAL A 7 1.85 19.32 4.77
CA VAL A 7 2.09 17.89 5.08
C VAL A 7 1.29 17.64 6.36
N VAL A 8 0.26 16.80 6.22
CA VAL A 8 -0.71 16.41 7.23
C VAL A 8 -0.66 14.91 7.54
N GLY A 9 -0.68 14.58 8.82
CA GLY A 9 -0.61 13.19 9.21
C GLY A 9 -0.56 13.16 10.72
N ALA A 10 -0.50 11.98 11.28
CA ALA A 10 -0.51 11.84 12.74
C ALA A 10 0.94 11.90 13.21
N MET A 11 1.20 12.96 13.92
CA MET A 11 2.50 13.21 14.53
C MET A 11 2.28 13.11 16.07
N SER A 12 1.12 12.65 16.51
CA SER A 12 0.73 12.46 17.87
C SER A 12 -0.18 11.34 18.26
N GLY A 13 -1.14 10.75 17.66
CA GLY A 13 -1.82 9.70 18.62
C GLY A 13 -0.81 8.55 18.81
N PRO A 14 -1.43 7.37 18.75
CA PRO A 14 -0.77 6.07 18.79
C PRO A 14 -0.31 5.69 17.38
N ILE A 15 -0.86 6.34 16.36
CA ILE A 15 -0.53 6.12 14.96
C ILE A 15 0.71 6.90 14.51
N ALA A 16 1.25 7.63 15.42
CA ALA A 16 2.39 8.51 15.18
C ALA A 16 3.67 7.85 14.76
N GLN A 17 3.87 6.58 14.97
CA GLN A 17 5.12 5.96 14.48
C GLN A 17 4.88 5.77 12.98
N TRP A 18 3.68 6.13 12.59
CA TRP A 18 3.33 5.93 11.16
C TRP A 18 3.43 7.26 10.45
N GLY A 19 3.11 8.28 11.17
CA GLY A 19 3.18 9.69 10.72
C GLY A 19 4.62 10.07 10.64
N ILE A 20 5.45 9.53 11.53
CA ILE A 20 6.91 9.79 11.57
C ILE A 20 7.55 9.41 10.25
N MET A 21 7.20 8.30 9.65
CA MET A 21 7.70 7.82 8.37
C MET A 21 7.40 8.79 7.23
N GLU A 22 6.12 9.23 7.23
CA GLU A 22 5.70 10.16 6.20
C GLU A 22 6.32 11.52 6.49
N PHE A 23 6.28 12.07 7.69
CA PHE A 23 6.90 13.42 7.82
C PHE A 23 8.31 13.35 7.26
N ASN A 24 9.05 12.46 7.72
CA ASN A 24 10.40 12.02 7.40
C ASN A 24 10.68 11.90 5.92
N GLY A 25 9.77 11.24 5.20
CA GLY A 25 9.83 11.06 3.74
C GLY A 25 9.63 12.41 3.04
N ALA A 26 8.66 13.21 3.46
CA ALA A 26 8.35 14.53 2.89
C ALA A 26 9.57 15.44 2.99
N GLU A 27 10.04 15.67 4.18
CA GLU A 27 11.19 16.46 4.53
C GLU A 27 12.43 16.20 3.71
N GLN A 28 12.78 14.95 3.53
CA GLN A 28 13.96 14.55 2.76
C GLN A 28 13.71 14.91 1.30
N ALA A 29 12.44 14.87 0.93
CA ALA A 29 11.93 15.20 -0.42
C ALA A 29 12.06 16.68 -0.75
N ILE A 30 11.52 17.57 0.07
CA ILE A 30 11.67 19.00 -0.18
C ILE A 30 13.19 19.29 -0.20
N LYS A 31 13.96 18.85 0.76
CA LYS A 31 15.40 19.05 0.76
C LYS A 31 16.09 18.62 -0.51
N ASP A 32 15.92 17.39 -0.95
CA ASP A 32 16.66 16.96 -2.16
C ASP A 32 16.38 17.89 -3.35
N ILE A 33 15.10 18.24 -3.45
CA ILE A 33 14.58 19.09 -4.53
C ILE A 33 14.98 20.53 -4.42
N ASN A 34 14.87 21.04 -3.19
CA ASN A 34 15.28 22.51 -3.23
C ASN A 34 16.77 22.51 -3.45
N ALA A 35 17.56 21.55 -3.03
CA ALA A 35 18.99 21.36 -3.19
C ALA A 35 19.43 21.30 -4.66
N LYS A 36 18.61 20.78 -5.55
CA LYS A 36 18.87 20.72 -6.96
C LYS A 36 18.37 21.97 -7.68
N GLY A 37 17.92 23.02 -7.02
CA GLY A 37 17.47 24.21 -7.76
C GLY A 37 16.00 24.54 -7.57
N GLY A 38 15.33 23.62 -6.93
CA GLY A 38 13.91 23.67 -6.61
C GLY A 38 13.10 23.74 -7.90
N ILE A 39 12.00 24.45 -7.78
CA ILE A 39 11.06 24.71 -8.84
C ILE A 39 11.40 26.04 -9.50
N LYS A 40 12.12 25.88 -10.60
CA LYS A 40 12.54 27.05 -11.39
C LYS A 40 13.19 28.13 -10.52
N GLY A 41 13.89 27.70 -9.48
CA GLY A 41 14.51 28.70 -8.57
C GLY A 41 13.66 28.89 -7.32
N ASP A 42 12.34 28.75 -7.37
CA ASP A 42 11.50 28.94 -6.18
C ASP A 42 11.76 27.72 -5.28
N LYS A 43 11.59 27.97 -4.00
CA LYS A 43 11.81 26.93 -2.99
C LYS A 43 10.53 26.51 -2.32
N LEU A 44 10.45 25.25 -1.99
CA LEU A 44 9.38 24.54 -1.35
C LEU A 44 9.74 24.44 0.15
N VAL A 45 8.65 24.82 0.82
CA VAL A 45 8.64 24.84 2.30
C VAL A 45 7.41 24.02 2.71
N GLY A 46 7.67 23.12 3.64
CA GLY A 46 6.69 22.23 4.21
C GLY A 46 6.00 22.81 5.43
N VAL A 47 4.69 22.95 5.34
CA VAL A 47 3.94 23.45 6.58
C VAL A 47 3.38 22.16 7.12
N GLU A 48 3.68 21.86 8.40
CA GLU A 48 3.28 20.58 8.96
C GLU A 48 2.18 20.62 9.97
N TYR A 49 1.29 19.65 9.78
CA TYR A 49 0.13 19.58 10.69
C TYR A 49 -0.15 18.14 11.17
N ASP A 50 -0.78 18.21 12.34
CA ASP A 50 -1.24 17.12 13.14
C ASP A 50 -2.78 17.00 12.92
N ASP A 51 -3.05 15.83 12.48
CA ASP A 51 -4.23 15.15 12.20
C ASP A 51 -4.59 14.28 13.43
N ALA A 52 -3.54 13.84 14.11
CA ALA A 52 -3.64 12.88 15.20
C ALA A 52 -4.38 11.64 14.64
N CYS A 53 -4.67 11.71 13.36
CA CYS A 53 -5.41 10.65 12.67
C CYS A 53 -6.86 10.55 13.22
N ASP A 54 -7.49 11.64 13.39
CA ASP A 54 -8.82 11.85 13.94
C ASP A 54 -9.73 12.62 13.01
N PRO A 55 -10.91 12.05 12.75
CA PRO A 55 -11.88 12.63 11.84
C PRO A 55 -12.34 14.02 12.16
N LYS A 56 -12.33 14.46 13.41
CA LYS A 56 -12.77 15.82 13.78
C LYS A 56 -11.58 16.75 13.73
N GLN A 57 -10.43 16.20 14.01
CA GLN A 57 -9.17 16.97 13.93
C GLN A 57 -8.78 17.25 12.48
N ALA A 58 -9.00 16.28 11.61
CA ALA A 58 -8.70 16.31 10.19
C ALA A 58 -9.33 17.48 9.43
N VAL A 59 -10.60 17.56 9.68
CA VAL A 59 -11.62 18.51 9.22
C VAL A 59 -11.29 19.90 9.76
N ALA A 60 -10.72 19.95 10.95
CA ALA A 60 -10.29 21.24 11.52
C ALA A 60 -8.97 21.62 10.88
N VAL A 61 -8.20 20.55 10.59
CA VAL A 61 -6.90 20.81 9.96
C VAL A 61 -7.12 21.44 8.61
N ALA A 62 -7.89 20.79 7.78
CA ALA A 62 -8.21 21.28 6.44
C ALA A 62 -8.87 22.66 6.38
N ASN A 63 -9.48 23.08 7.44
CA ASN A 63 -10.19 24.38 7.47
C ASN A 63 -9.10 25.40 7.69
N LYS A 64 -8.18 25.04 8.57
CA LYS A 64 -7.04 25.88 8.89
C LYS A 64 -6.03 25.90 7.75
N ILE A 65 -6.06 24.99 6.78
CA ILE A 65 -5.04 25.12 5.72
C ILE A 65 -5.64 26.02 4.66
N VAL A 66 -6.96 25.93 4.54
CA VAL A 66 -7.73 26.74 3.59
C VAL A 66 -7.57 28.21 3.90
N ASN A 67 -8.20 28.55 4.98
CA ASN A 67 -8.22 29.92 5.50
C ASN A 67 -6.82 30.34 5.92
N ASP A 68 -5.86 29.72 5.28
CA ASP A 68 -4.41 30.00 5.64
C ASP A 68 -3.59 30.04 4.38
N GLY A 69 -4.34 30.01 3.26
CA GLY A 69 -3.88 30.09 1.89
C GLY A 69 -3.02 29.03 1.28
N ILE A 70 -2.93 27.83 1.81
CA ILE A 70 -2.08 26.82 1.15
C ILE A 70 -2.98 26.12 0.14
N LYS A 71 -2.42 25.81 -0.98
CA LYS A 71 -2.99 25.24 -2.17
C LYS A 71 -2.64 23.78 -2.48
N TYR A 72 -1.64 23.22 -1.86
CA TYR A 72 -1.25 21.84 -2.17
C TYR A 72 -1.12 21.07 -0.87
N VAL A 73 -1.86 19.96 -0.77
CA VAL A 73 -1.80 19.15 0.46
C VAL A 73 -1.30 17.77 0.02
N ILE A 74 -0.25 17.42 0.76
CA ILE A 74 0.43 16.12 0.66
C ILE A 74 0.02 15.40 1.94
N GLY A 75 -1.10 14.71 1.89
CA GLY A 75 -1.54 14.08 3.10
C GLY A 75 -2.92 13.40 2.87
N HIS A 76 -3.51 13.28 4.03
CA HIS A 76 -3.75 12.57 5.21
C HIS A 76 -3.33 11.12 5.20
N LEU A 77 -2.67 10.73 6.25
CA LEU A 77 -2.14 9.38 6.43
C LEU A 77 -3.26 8.36 6.51
N CYS A 78 -4.19 8.50 7.39
CA CYS A 78 -5.31 7.56 7.56
C CYS A 78 -6.43 7.81 6.59
N SER A 79 -7.05 6.72 6.23
CA SER A 79 -8.19 6.73 5.32
C SER A 79 -9.40 7.38 6.03
N SER A 80 -9.39 7.40 7.34
CA SER A 80 -10.58 7.92 8.03
C SER A 80 -10.54 9.36 8.35
N SER A 81 -9.39 9.98 8.27
CA SER A 81 -9.29 11.43 8.54
C SER A 81 -9.28 12.13 7.19
N THR A 82 -8.77 11.46 6.18
CA THR A 82 -8.68 11.95 4.80
C THR A 82 -10.00 12.22 4.13
N GLN A 83 -10.86 11.23 4.12
CA GLN A 83 -12.18 11.32 3.47
C GLN A 83 -12.81 12.67 3.77
N PRO A 84 -13.09 12.94 5.03
CA PRO A 84 -13.68 14.19 5.48
C PRO A 84 -12.94 15.42 4.98
N ALA A 85 -11.63 15.38 5.08
CA ALA A 85 -10.71 16.44 4.63
C ALA A 85 -10.90 16.67 3.15
N SER A 86 -10.80 15.64 2.34
CA SER A 86 -10.98 15.67 0.90
C SER A 86 -12.28 16.37 0.48
N ASP A 87 -13.29 16.35 1.34
CA ASP A 87 -14.55 17.02 0.91
C ASP A 87 -14.22 18.52 0.88
N ILE A 88 -13.60 18.93 1.99
CA ILE A 88 -13.21 20.34 2.13
C ILE A 88 -12.21 20.80 1.10
N TYR A 89 -11.21 20.00 0.80
CA TYR A 89 -10.20 20.37 -0.23
C TYR A 89 -10.76 20.54 -1.62
N GLU A 90 -11.59 19.63 -2.06
CA GLU A 90 -12.18 19.64 -3.40
C GLU A 90 -13.01 20.87 -3.64
N ASP A 91 -13.80 21.17 -2.70
CA ASP A 91 -14.73 22.20 -2.33
C ASP A 91 -14.14 23.56 -2.72
N GLU A 92 -13.06 23.82 -2.01
CA GLU A 92 -12.26 25.01 -2.16
C GLU A 92 -11.12 25.05 -3.16
N GLY A 93 -11.00 24.11 -4.09
CA GLY A 93 -10.02 23.99 -5.14
C GLY A 93 -8.57 24.00 -4.69
N ILE A 94 -8.32 23.02 -3.87
CA ILE A 94 -6.99 22.78 -3.23
C ILE A 94 -6.58 21.36 -3.60
N LEU A 95 -5.33 21.22 -4.00
CA LEU A 95 -4.85 19.88 -4.41
C LEU A 95 -4.57 19.05 -3.16
N MET A 96 -4.81 17.77 -3.22
CA MET A 96 -4.67 16.73 -2.22
C MET A 96 -4.17 15.41 -2.84
N ILE A 97 -2.97 15.06 -2.39
CA ILE A 97 -2.21 13.86 -2.74
C ILE A 97 -1.95 12.97 -1.52
N SER A 98 -2.72 11.93 -1.35
CA SER A 98 -2.57 11.01 -0.22
C SER A 98 -1.45 10.01 -0.37
N PRO A 99 -0.54 10.03 0.61
CA PRO A 99 0.62 9.15 0.66
C PRO A 99 0.32 7.89 1.44
N GLY A 100 -0.91 7.63 1.85
CA GLY A 100 -1.23 6.43 2.58
C GLY A 100 -2.69 6.05 2.69
N ALA A 101 -3.63 6.71 2.03
CA ALA A 101 -5.05 6.27 2.24
C ALA A 101 -5.48 5.32 1.12
N THR A 102 -6.03 4.18 1.47
CA THR A 102 -6.50 3.15 0.57
C THR A 102 -7.97 2.83 0.47
N ALA A 103 -8.84 3.58 1.10
CA ALA A 103 -10.32 3.43 1.03
C ALA A 103 -10.68 3.60 -0.45
N PRO A 104 -11.16 2.54 -1.06
CA PRO A 104 -11.51 2.59 -2.48
C PRO A 104 -12.45 3.74 -2.85
N GLU A 105 -13.23 4.26 -1.94
CA GLU A 105 -14.21 5.31 -2.16
C GLU A 105 -13.71 6.73 -2.26
N LEU A 106 -12.61 7.11 -1.73
CA LEU A 106 -12.00 8.44 -1.79
C LEU A 106 -12.16 8.95 -3.21
N THR A 107 -11.86 8.07 -4.13
CA THR A 107 -11.91 8.29 -5.56
C THR A 107 -13.21 7.82 -6.20
N GLN A 108 -14.25 7.46 -5.48
CA GLN A 108 -15.45 6.97 -6.26
C GLN A 108 -16.49 8.07 -6.30
N ARG A 109 -16.05 9.31 -6.17
CA ARG A 109 -16.98 10.46 -6.12
C ARG A 109 -16.92 11.42 -7.24
N GLY A 110 -15.79 11.81 -7.79
CA GLY A 110 -15.84 12.76 -8.94
C GLY A 110 -15.01 13.99 -8.67
N TYR A 111 -14.37 13.92 -7.52
CA TYR A 111 -13.44 14.97 -7.06
C TYR A 111 -12.37 15.06 -8.14
N GLN A 112 -12.10 16.27 -8.56
CA GLN A 112 -11.12 16.53 -9.63
C GLN A 112 -9.75 16.91 -9.17
N HIS A 113 -9.61 17.07 -7.87
CA HIS A 113 -8.34 17.49 -7.23
C HIS A 113 -7.86 16.52 -6.19
N ILE A 114 -8.17 15.27 -6.22
CA ILE A 114 -7.75 14.29 -5.17
C ILE A 114 -6.95 13.19 -5.88
N MET A 115 -5.71 13.00 -5.46
CA MET A 115 -4.82 11.97 -6.09
C MET A 115 -4.20 11.11 -4.97
N ARG A 116 -3.54 10.06 -5.40
CA ARG A 116 -2.93 9.10 -4.46
C ARG A 116 -1.66 8.51 -5.11
N THR A 117 -0.73 8.24 -4.20
CA THR A 117 0.56 7.61 -4.46
C THR A 117 0.58 6.28 -3.74
N ALA A 118 -0.58 6.01 -3.11
CA ALA A 118 -0.82 4.75 -2.40
C ALA A 118 -1.69 3.82 -3.25
N GLY A 119 -1.38 2.54 -3.18
CA GLY A 119 -2.05 1.47 -3.91
C GLY A 119 -3.23 0.91 -3.15
N LEU A 120 -4.20 0.38 -3.90
CA LEU A 120 -5.42 -0.21 -3.35
C LEU A 120 -5.18 -1.70 -3.10
N ASP A 121 -5.63 -2.17 -1.97
CA ASP A 121 -5.46 -3.55 -1.52
C ASP A 121 -5.88 -4.57 -2.59
N SER A 122 -6.84 -4.20 -3.41
CA SER A 122 -7.37 -5.08 -4.46
C SER A 122 -6.38 -5.35 -5.58
N SER A 123 -5.34 -4.56 -5.62
CA SER A 123 -4.34 -4.75 -6.68
C SER A 123 -3.55 -6.03 -6.41
N GLN A 124 -3.62 -6.51 -5.21
CA GLN A 124 -2.90 -7.72 -4.79
C GLN A 124 -3.51 -8.97 -5.38
N GLY A 125 -4.83 -9.00 -5.53
CA GLY A 125 -5.50 -10.19 -6.10
C GLY A 125 -4.83 -10.59 -7.39
N PRO A 126 -4.76 -9.67 -8.34
CA PRO A 126 -4.16 -9.84 -9.67
C PRO A 126 -2.65 -10.11 -9.71
N THR A 127 -1.92 -9.69 -8.71
CA THR A 127 -0.46 -9.92 -8.62
C THR A 127 -0.26 -11.38 -8.28
N ALA A 128 -1.11 -11.86 -7.38
CA ALA A 128 -1.12 -13.24 -6.95
C ALA A 128 -1.49 -14.16 -8.13
N ALA A 129 -2.61 -13.87 -8.79
CA ALA A 129 -3.11 -14.65 -9.91
C ALA A 129 -2.06 -14.86 -10.99
N LYS A 130 -1.38 -13.80 -11.35
CA LYS A 130 -0.34 -13.76 -12.33
C LYS A 130 0.91 -14.52 -11.84
N TYR A 131 1.21 -14.44 -10.58
CA TYR A 131 2.40 -15.18 -10.11
C TYR A 131 2.19 -16.68 -10.13
N ILE A 132 1.08 -17.14 -9.59
CA ILE A 132 0.67 -18.52 -9.51
C ILE A 132 0.60 -19.15 -10.92
N LEU A 133 0.17 -18.36 -11.88
CA LEU A 133 -0.02 -18.81 -13.26
C LEU A 133 1.26 -18.77 -14.08
N GLU A 134 2.13 -17.82 -13.80
CA GLU A 134 3.38 -17.69 -14.58
C GLU A 134 4.52 -18.50 -14.02
N THR A 135 4.69 -18.47 -12.71
CA THR A 135 5.78 -19.18 -12.04
C THR A 135 5.44 -20.31 -11.13
N VAL A 136 4.33 -20.38 -10.44
CA VAL A 136 4.12 -21.58 -9.58
C VAL A 136 3.66 -22.72 -10.54
N LYS A 137 2.60 -22.44 -11.29
CA LYS A 137 1.96 -23.34 -12.22
C LYS A 137 1.57 -24.65 -11.55
N PRO A 138 0.83 -24.55 -10.46
CA PRO A 138 0.40 -25.75 -9.72
C PRO A 138 -0.71 -26.47 -10.50
N GLN A 139 -0.94 -27.70 -10.13
CA GLN A 139 -1.91 -28.62 -10.73
C GLN A 139 -3.33 -28.45 -10.21
N ARG A 140 -3.48 -28.60 -8.91
CA ARG A 140 -4.84 -28.50 -8.26
C ARG A 140 -4.84 -27.44 -7.19
N ILE A 141 -5.67 -26.42 -7.41
CA ILE A 141 -5.79 -25.25 -6.55
C ILE A 141 -7.04 -25.11 -5.77
N ALA A 142 -7.01 -25.02 -4.44
CA ALA A 142 -8.27 -24.78 -3.70
C ALA A 142 -8.18 -23.33 -3.24
N ILE A 143 -9.21 -22.54 -3.34
CA ILE A 143 -9.14 -21.13 -2.87
C ILE A 143 -10.05 -20.97 -1.64
N ILE A 144 -9.48 -20.40 -0.59
CA ILE A 144 -10.18 -20.20 0.71
C ILE A 144 -10.00 -18.83 1.29
N HIS A 145 -11.03 -18.35 1.99
CA HIS A 145 -11.10 -17.03 2.64
C HIS A 145 -11.86 -17.14 3.97
N ASP A 146 -11.92 -16.04 4.68
CA ASP A 146 -12.55 -16.05 6.02
C ASP A 146 -13.89 -15.38 6.23
N LYS A 147 -14.75 -15.22 5.29
CA LYS A 147 -16.06 -14.63 5.16
C LYS A 147 -16.13 -13.12 5.28
N GLN A 148 -15.05 -12.41 5.25
CA GLN A 148 -14.91 -10.97 5.35
C GLN A 148 -14.72 -10.22 4.04
N GLN A 149 -14.97 -8.91 4.09
CA GLN A 149 -14.77 -8.09 2.89
C GLN A 149 -13.32 -8.28 2.43
N TYR A 150 -12.30 -8.04 3.24
CA TYR A 150 -10.90 -8.23 2.87
C TYR A 150 -10.66 -9.61 2.24
N GLY A 151 -10.48 -10.64 3.06
CA GLY A 151 -10.28 -11.98 2.61
C GLY A 151 -11.22 -12.48 1.52
N GLU A 152 -12.51 -12.25 1.57
CA GLU A 152 -13.41 -12.79 0.51
C GLU A 152 -13.23 -12.14 -0.86
N GLY A 153 -13.01 -10.83 -0.74
CA GLY A 153 -12.79 -9.85 -1.80
C GLY A 153 -11.56 -10.25 -2.58
N LEU A 154 -10.46 -10.45 -1.89
CA LEU A 154 -9.20 -10.83 -2.52
C LEU A 154 -9.24 -12.27 -2.98
N ALA A 155 -9.99 -13.18 -2.43
CA ALA A 155 -9.99 -14.56 -2.93
C ALA A 155 -10.71 -14.67 -4.26
N ARG A 156 -11.85 -13.99 -4.29
CA ARG A 156 -12.70 -14.06 -5.51
C ARG A 156 -11.94 -13.48 -6.68
N SER A 157 -11.18 -12.44 -6.37
CA SER A 157 -10.33 -11.75 -7.35
C SER A 157 -9.38 -12.68 -8.11
N VAL A 158 -8.69 -13.48 -7.33
CA VAL A 158 -7.71 -14.50 -7.68
C VAL A 158 -8.37 -15.68 -8.36
N GLN A 159 -9.54 -16.06 -7.85
CA GLN A 159 -10.33 -17.14 -8.46
C GLN A 159 -10.74 -16.70 -9.87
N ASP A 160 -11.03 -15.43 -10.02
CA ASP A 160 -11.45 -14.79 -11.27
C ASP A 160 -10.33 -14.79 -12.31
N GLY A 161 -9.18 -14.36 -11.86
CA GLY A 161 -7.94 -14.27 -12.64
C GLY A 161 -7.51 -15.69 -12.97
N LEU A 162 -7.62 -16.58 -12.01
CA LEU A 162 -7.26 -18.00 -12.20
C LEU A 162 -8.08 -18.75 -13.23
N LYS A 163 -9.40 -18.60 -13.30
CA LYS A 163 -10.23 -19.32 -14.27
C LYS A 163 -10.10 -18.64 -15.64
N ALA A 164 -10.33 -17.34 -15.64
CA ALA A 164 -10.09 -16.63 -16.93
C ALA A 164 -8.57 -16.89 -17.08
N ALA A 165 -8.21 -17.91 -17.79
CA ALA A 165 -6.80 -18.30 -17.99
C ALA A 165 -6.78 -19.83 -17.89
N ASN A 166 -8.00 -20.31 -17.79
CA ASN A 166 -8.37 -21.70 -17.68
C ASN A 166 -7.59 -22.55 -16.70
N ALA A 167 -7.27 -22.11 -15.50
CA ALA A 167 -6.52 -22.91 -14.49
C ALA A 167 -7.47 -23.85 -13.77
N ASN A 168 -6.96 -24.84 -13.09
CA ASN A 168 -7.78 -25.84 -12.37
C ASN A 168 -7.95 -25.60 -10.87
N VAL A 169 -9.06 -24.97 -10.52
CA VAL A 169 -9.46 -24.67 -9.16
C VAL A 169 -10.44 -25.73 -8.66
N VAL A 170 -9.99 -26.59 -7.77
CA VAL A 170 -10.82 -27.66 -7.22
C VAL A 170 -12.03 -27.24 -6.43
N PHE A 171 -11.85 -26.44 -5.38
CA PHE A 171 -13.03 -25.94 -4.60
C PHE A 171 -12.71 -24.47 -4.26
N PHE A 172 -13.71 -23.73 -3.88
CA PHE A 172 -13.70 -22.32 -3.43
C PHE A 172 -14.56 -22.32 -2.15
N ASP A 173 -13.99 -22.03 -0.99
CA ASP A 173 -14.74 -22.08 0.26
C ASP A 173 -14.32 -21.05 1.29
N GLY A 174 -15.14 -20.92 2.30
CA GLY A 174 -14.94 -19.96 3.40
C GLY A 174 -14.76 -20.75 4.68
N ILE A 175 -14.08 -20.13 5.58
CA ILE A 175 -13.73 -20.71 6.91
C ILE A 175 -14.31 -19.71 7.89
N THR A 176 -14.46 -20.12 9.10
CA THR A 176 -15.02 -19.31 10.18
C THR A 176 -13.77 -18.75 10.86
N ALA A 177 -13.58 -17.45 10.60
CA ALA A 177 -12.42 -16.80 11.24
C ALA A 177 -12.75 -16.98 12.73
N GLY A 178 -11.78 -17.21 13.58
CA GLY A 178 -11.97 -17.43 15.03
C GLY A 178 -11.90 -18.93 15.34
N GLU A 179 -11.91 -19.69 14.28
CA GLU A 179 -11.85 -21.16 14.28
C GLU A 179 -10.49 -21.61 14.79
N LYS A 180 -10.52 -22.65 15.63
CA LYS A 180 -9.21 -23.11 16.14
C LYS A 180 -8.77 -24.46 15.60
N ASP A 181 -9.67 -25.15 14.93
CA ASP A 181 -9.46 -26.49 14.37
C ASP A 181 -9.92 -26.55 12.91
N PHE A 182 -8.95 -26.74 12.04
CA PHE A 182 -9.18 -26.84 10.59
C PHE A 182 -9.04 -28.31 10.17
N SER A 183 -9.28 -29.23 11.12
CA SER A 183 -9.13 -30.64 10.69
C SER A 183 -10.02 -30.97 9.53
N ALA A 184 -11.21 -30.43 9.40
CA ALA A 184 -12.05 -30.77 8.20
C ALA A 184 -11.49 -30.17 6.91
N LEU A 185 -11.07 -28.92 6.98
CA LEU A 185 -10.47 -28.26 5.81
C LEU A 185 -9.26 -29.07 5.34
N ILE A 186 -8.41 -29.32 6.35
CA ILE A 186 -7.16 -30.04 6.16
C ILE A 186 -7.37 -31.43 5.59
N ALA A 187 -8.41 -32.12 6.04
CA ALA A 187 -8.75 -33.44 5.53
C ALA A 187 -9.25 -33.29 4.08
N ARG A 188 -9.86 -32.15 3.77
CA ARG A 188 -10.36 -31.91 2.42
C ARG A 188 -9.28 -31.60 1.40
N LEU A 189 -8.14 -31.06 1.74
CA LEU A 189 -7.03 -30.80 0.82
C LEU A 189 -6.25 -32.13 0.67
N LYS A 190 -6.32 -32.92 1.73
CA LYS A 190 -5.68 -34.24 1.65
C LYS A 190 -6.37 -34.94 0.46
N LYS A 191 -7.63 -35.26 0.69
CA LYS A 191 -8.48 -35.94 -0.28
C LYS A 191 -8.61 -35.32 -1.65
N GLU A 192 -8.81 -34.02 -1.75
CA GLU A 192 -8.94 -33.35 -3.05
C GLU A 192 -7.55 -33.30 -3.68
N ASN A 193 -6.62 -33.81 -2.89
CA ASN A 193 -5.20 -33.84 -3.40
C ASN A 193 -4.72 -32.49 -3.86
N ILE A 194 -4.88 -31.48 -3.02
CA ILE A 194 -4.50 -30.09 -3.31
C ILE A 194 -3.02 -29.76 -3.13
N ASP A 195 -2.41 -29.00 -4.01
CA ASP A 195 -0.99 -28.66 -3.97
C ASP A 195 -0.69 -27.16 -3.86
N PHE A 196 -1.74 -26.35 -3.85
CA PHE A 196 -1.54 -24.89 -3.76
C PHE A 196 -2.84 -24.30 -3.20
N VAL A 197 -2.73 -23.60 -2.12
CA VAL A 197 -3.87 -22.93 -1.49
C VAL A 197 -3.62 -21.41 -1.52
N TYR A 198 -4.61 -20.67 -1.97
CA TYR A 198 -4.56 -19.20 -1.92
C TYR A 198 -5.61 -18.98 -0.78
N TYR A 199 -5.26 -18.26 0.24
CA TYR A 199 -6.02 -17.95 1.44
C TYR A 199 -6.07 -16.44 1.65
N GLY A 200 -7.28 -15.91 1.62
CA GLY A 200 -7.47 -14.45 1.82
C GLY A 200 -8.14 -14.31 3.21
N GLY A 201 -7.38 -13.62 4.01
CA GLY A 201 -7.67 -13.34 5.41
C GLY A 201 -6.33 -12.93 6.02
N TYR A 202 -6.31 -13.05 7.32
CA TYR A 202 -5.29 -12.68 8.24
C TYR A 202 -4.53 -13.85 8.82
N TYR A 203 -3.44 -13.35 9.45
CA TYR A 203 -2.45 -14.22 10.06
C TYR A 203 -2.95 -15.23 11.06
N PRO A 204 -3.78 -14.81 11.98
CA PRO A 204 -4.29 -15.75 13.00
C PRO A 204 -4.69 -17.09 12.43
N GLU A 205 -5.39 -17.02 11.33
CA GLU A 205 -5.96 -18.17 10.62
C GLU A 205 -4.89 -18.92 9.88
N MET A 206 -4.16 -18.21 9.08
CA MET A 206 -3.06 -18.76 8.26
C MET A 206 -2.07 -19.57 9.05
N GLY A 207 -1.66 -19.09 10.22
CA GLY A 207 -0.72 -19.68 11.14
C GLY A 207 -1.14 -21.03 11.69
N GLN A 208 -2.41 -21.18 12.00
CA GLN A 208 -3.03 -22.41 12.54
C GLN A 208 -3.15 -23.42 11.39
N MET A 209 -3.55 -22.92 10.24
CA MET A 209 -3.64 -23.79 9.07
C MET A 209 -2.24 -24.38 8.79
N LEU A 210 -1.29 -23.50 8.51
CA LEU A 210 0.09 -23.91 8.20
C LEU A 210 0.62 -24.91 9.22
N ARG A 211 0.38 -24.61 10.49
CA ARG A 211 0.83 -25.46 11.60
C ARG A 211 0.18 -26.84 11.57
N GLN A 212 -1.08 -26.75 11.25
CA GLN A 212 -2.10 -27.78 11.15
C GLN A 212 -1.88 -28.62 9.91
N ALA A 213 -1.54 -28.04 8.77
CA ALA A 213 -1.35 -28.77 7.53
C ALA A 213 -0.08 -29.59 7.42
N ARG A 214 0.94 -29.17 8.10
CA ARG A 214 2.28 -29.71 8.13
C ARG A 214 2.49 -30.83 9.11
N SER A 215 1.71 -30.79 10.20
CA SER A 215 1.79 -31.84 11.21
C SER A 215 1.11 -33.13 10.67
N VAL A 216 0.21 -32.97 9.74
CA VAL A 216 -0.55 -34.04 9.10
C VAL A 216 0.19 -34.52 7.87
N GLY A 217 1.19 -33.76 7.43
CA GLY A 217 2.08 -34.08 6.33
C GLY A 217 1.78 -33.52 4.98
N LEU A 218 0.96 -32.46 4.95
CA LEU A 218 0.62 -31.93 3.60
C LEU A 218 1.86 -31.25 3.07
N LYS A 219 2.02 -31.39 1.76
CA LYS A 219 3.08 -30.79 0.98
C LYS A 219 2.54 -29.54 0.28
N THR A 220 1.24 -29.28 0.47
CA THR A 220 0.52 -28.15 -0.09
C THR A 220 1.33 -26.86 0.16
N GLN A 221 1.32 -26.00 -0.78
CA GLN A 221 2.01 -24.68 -0.79
C GLN A 221 0.92 -23.66 -0.50
N PHE A 222 1.24 -22.69 0.33
CA PHE A 222 0.25 -21.66 0.71
C PHE A 222 0.65 -20.29 0.22
N MET A 223 -0.29 -19.50 -0.26
CA MET A 223 -0.27 -18.15 -0.69
C MET A 223 -1.32 -17.36 0.17
N GLY A 224 -0.95 -16.12 0.42
CA GLY A 224 -1.83 -15.26 1.23
C GLY A 224 -1.45 -13.81 0.88
N PRO A 225 -2.36 -12.92 1.19
CA PRO A 225 -2.21 -11.48 0.97
C PRO A 225 -1.44 -10.83 2.09
N GLU A 226 -1.28 -9.50 1.94
CA GLU A 226 -0.52 -8.83 2.99
C GLU A 226 -1.06 -9.11 4.37
N GLY A 227 -2.33 -9.30 4.68
CA GLY A 227 -2.76 -9.60 6.04
C GLY A 227 -2.09 -10.78 6.72
N VAL A 228 -1.34 -11.63 6.06
CA VAL A 228 -0.64 -12.83 6.57
C VAL A 228 0.84 -12.61 6.90
N GLY A 229 1.46 -11.62 6.31
CA GLY A 229 2.89 -11.27 6.51
C GLY A 229 3.08 -10.45 7.78
N ASN A 230 2.66 -11.04 8.91
CA ASN A 230 2.77 -10.39 10.23
C ASN A 230 3.94 -11.06 11.00
N ALA A 231 4.43 -10.43 12.03
CA ALA A 231 5.52 -10.85 12.90
C ALA A 231 5.13 -12.01 13.80
N SER A 232 3.87 -12.08 14.12
CA SER A 232 3.28 -13.14 14.93
C SER A 232 3.20 -14.47 14.19
N LEU A 233 3.16 -14.39 12.86
CA LEU A 233 3.07 -15.58 12.01
C LEU A 233 4.05 -16.68 12.41
N SER A 234 5.30 -16.31 12.58
CA SER A 234 6.38 -17.20 13.05
C SER A 234 6.26 -17.49 14.54
N ASN A 235 5.79 -16.53 15.36
CA ASN A 235 5.61 -16.91 16.78
C ASN A 235 4.42 -17.90 16.79
N ILE A 236 3.66 -18.06 15.67
CA ILE A 236 2.54 -19.02 15.66
C ILE A 236 2.68 -20.33 14.85
N ALA A 237 3.21 -20.24 13.62
CA ALA A 237 3.31 -21.47 12.80
C ALA A 237 4.66 -22.10 13.09
N GLY A 238 5.60 -21.23 13.43
CA GLY A 238 6.97 -21.75 13.72
C GLY A 238 7.54 -22.16 12.35
N ASP A 239 7.84 -23.44 12.18
CA ASP A 239 8.39 -23.97 10.96
C ASP A 239 7.48 -24.09 9.76
N ALA A 240 6.25 -24.42 10.02
CA ALA A 240 5.27 -24.57 8.93
C ALA A 240 5.14 -23.29 8.14
N ALA A 241 5.68 -22.19 8.63
CA ALA A 241 5.56 -20.88 7.93
C ALA A 241 6.48 -20.79 6.72
N GLU A 242 7.58 -21.56 6.79
CA GLU A 242 8.62 -21.67 5.84
C GLU A 242 8.15 -21.91 4.42
N GLY A 243 8.41 -20.96 3.56
CA GLY A 243 8.12 -20.90 2.18
C GLY A 243 6.71 -20.46 1.85
N MET A 244 5.97 -19.94 2.82
CA MET A 244 4.59 -19.43 2.58
C MET A 244 4.73 -18.27 1.60
N LEU A 245 3.89 -18.22 0.61
CA LEU A 245 3.97 -17.07 -0.39
C LEU A 245 3.08 -15.97 0.17
N VAL A 246 3.51 -14.71 0.10
CA VAL A 246 2.84 -13.55 0.56
C VAL A 246 2.91 -12.41 -0.49
N THR A 247 1.93 -11.57 -0.51
CA THR A 247 1.94 -10.34 -1.38
C THR A 247 2.22 -9.15 -0.47
N MET A 248 3.26 -8.38 -0.71
CA MET A 248 3.61 -7.22 0.14
C MET A 248 4.21 -6.09 -0.69
N PRO A 249 4.12 -4.86 -0.24
CA PRO A 249 4.71 -3.76 -1.01
C PRO A 249 6.17 -4.12 -1.25
N LYS A 250 6.73 -3.61 -2.32
CA LYS A 250 8.13 -3.89 -2.66
C LYS A 250 8.95 -3.11 -1.64
N ARG A 251 10.22 -3.39 -1.53
CA ARG A 251 11.10 -2.71 -0.54
C ARG A 251 11.90 -1.61 -1.20
N TYR A 252 11.26 -0.46 -1.43
CA TYR A 252 11.91 0.65 -2.12
C TYR A 252 13.25 0.99 -1.51
N ASP A 253 13.35 0.73 -0.21
CA ASP A 253 14.64 0.95 0.47
C ASP A 253 15.75 0.02 -0.08
N GLN A 254 15.45 -0.89 -0.98
CA GLN A 254 16.51 -1.79 -1.41
C GLN A 254 16.72 -1.69 -2.90
N ASP A 255 16.36 -0.55 -3.38
CA ASP A 255 16.55 -0.27 -4.83
C ASP A 255 17.90 0.44 -4.87
N PRO A 256 18.79 -0.08 -5.67
CA PRO A 256 20.10 0.54 -5.85
C PRO A 256 19.94 2.05 -6.00
N ALA A 257 18.95 2.50 -6.76
CA ALA A 257 18.70 3.92 -6.99
C ALA A 257 18.35 4.74 -5.76
N ASN A 258 17.75 4.14 -4.75
CA ASN A 258 17.36 4.85 -3.53
C ASN A 258 18.46 4.86 -2.51
N GLN A 259 19.61 4.24 -2.84
CA GLN A 259 20.64 4.18 -1.80
C GLN A 259 21.08 5.52 -1.28
N GLY A 260 20.95 6.55 -2.08
CA GLY A 260 21.30 7.91 -1.65
C GLY A 260 20.43 8.44 -0.52
N ILE A 261 19.12 8.25 -0.56
CA ILE A 261 18.08 8.67 0.40
C ILE A 261 18.15 7.91 1.73
N VAL A 262 18.45 6.64 1.58
CA VAL A 262 18.68 5.65 2.63
C VAL A 262 19.85 6.11 3.53
N ASP A 263 20.96 6.43 2.89
CA ASP A 263 22.14 6.92 3.66
C ASP A 263 21.75 8.23 4.37
N ALA A 264 21.05 9.06 3.60
CA ALA A 264 20.62 10.37 4.11
C ALA A 264 19.77 10.16 5.33
N LEU A 265 18.97 9.11 5.26
CA LEU A 265 18.07 8.85 6.43
C LEU A 265 18.84 8.25 7.57
N LYS A 266 19.67 7.24 7.27
CA LYS A 266 20.43 6.60 8.38
C LYS A 266 21.21 7.68 9.14
N ALA A 267 21.80 8.55 8.36
CA ALA A 267 22.60 9.68 8.83
C ALA A 267 21.90 10.53 9.87
N ASP A 268 20.67 10.91 9.60
CA ASP A 268 19.81 11.67 10.49
C ASP A 268 19.21 10.80 11.61
N LYS A 269 19.58 9.55 11.69
CA LYS A 269 19.12 8.57 12.67
C LYS A 269 17.67 8.12 12.46
N LYS A 270 17.21 8.23 11.23
CA LYS A 270 15.85 7.86 10.84
C LYS A 270 15.85 6.51 10.16
N ASP A 271 14.78 5.76 10.32
CA ASP A 271 14.69 4.38 9.77
C ASP A 271 14.08 4.49 8.37
N PRO A 272 14.88 4.10 7.40
CA PRO A 272 14.48 4.20 5.98
C PRO A 272 13.68 3.07 5.41
N SER A 273 13.32 2.11 6.25
CA SER A 273 12.56 0.94 5.84
C SER A 273 11.05 1.09 5.82
N GLY A 274 10.41 2.03 6.42
CA GLY A 274 8.95 2.19 6.41
C GLY A 274 8.44 2.62 5.05
N PRO A 275 7.38 1.96 4.61
CA PRO A 275 6.83 2.25 3.26
C PRO A 275 6.33 3.66 3.23
N TYR A 276 5.84 4.18 4.34
CA TYR A 276 5.40 5.59 4.25
C TYR A 276 6.52 6.50 3.87
N VAL A 277 7.80 6.16 4.17
CA VAL A 277 8.96 6.97 3.83
C VAL A 277 8.96 7.21 2.29
N TRP A 278 8.85 6.12 1.58
CA TRP A 278 8.81 6.02 0.13
C TRP A 278 7.54 6.50 -0.56
N ILE A 279 6.35 6.16 -0.18
CA ILE A 279 5.18 6.66 -0.93
C ILE A 279 4.93 8.13 -0.68
N THR A 280 5.38 8.71 0.41
CA THR A 280 5.23 10.14 0.68
C THR A 280 6.32 10.95 -0.07
N TYR A 281 7.48 10.35 -0.28
CA TYR A 281 8.57 11.03 -1.02
C TYR A 281 8.09 11.16 -2.48
N ALA A 282 7.44 10.11 -2.91
CA ALA A 282 6.89 9.93 -4.26
C ALA A 282 5.80 10.95 -4.50
N ALA A 283 5.08 11.27 -3.44
CA ALA A 283 4.04 12.31 -3.47
C ALA A 283 4.68 13.68 -3.70
N VAL A 284 5.62 14.11 -2.89
CA VAL A 284 6.32 15.38 -3.01
C VAL A 284 6.90 15.51 -4.43
N GLN A 285 7.66 14.51 -4.86
CA GLN A 285 8.28 14.62 -6.18
C GLN A 285 7.37 14.54 -7.38
N SER A 286 6.07 14.44 -7.26
CA SER A 286 5.06 14.42 -8.31
C SER A 286 4.27 15.73 -8.37
N LEU A 287 3.92 16.23 -7.18
CA LEU A 287 3.19 17.51 -7.14
C LEU A 287 4.20 18.55 -7.69
N ALA A 288 5.26 18.49 -6.88
CA ALA A 288 6.39 19.41 -7.04
C ALA A 288 7.43 18.74 -7.88
N THR A 289 7.53 19.29 -9.07
CA THR A 289 8.53 18.71 -10.01
C THR A 289 7.62 18.00 -10.97
N ALA A 290 7.54 16.68 -11.05
CA ALA A 290 6.46 16.40 -12.08
C ALA A 290 5.43 17.43 -11.57
N LEU A 291 4.91 18.35 -12.29
CA LEU A 291 4.03 19.37 -12.37
C LEU A 291 4.24 20.82 -11.99
N GLU A 292 4.64 21.25 -10.83
CA GLU A 292 4.76 22.74 -10.67
C GLU A 292 5.80 23.20 -11.67
N ARG A 293 6.55 22.21 -12.14
CA ARG A 293 7.55 22.45 -13.15
C ARG A 293 6.85 22.67 -14.51
N THR A 294 5.54 22.66 -14.57
CA THR A 294 4.52 22.89 -15.59
C THR A 294 4.17 24.40 -15.67
N GLY A 295 4.74 25.16 -14.74
CA GLY A 295 4.57 26.59 -14.66
C GLY A 295 3.40 27.13 -13.90
N SER A 296 2.41 26.28 -13.65
CA SER A 296 1.19 26.62 -12.92
C SER A 296 1.43 26.67 -11.42
N ASP A 297 0.48 27.37 -10.86
CA ASP A 297 0.29 27.69 -9.41
C ASP A 297 -1.05 27.03 -9.05
N GLU A 298 -1.96 27.03 -9.98
CA GLU A 298 -3.29 26.50 -10.10
C GLU A 298 -3.46 24.99 -9.95
N PRO A 299 -4.11 24.60 -8.85
CA PRO A 299 -4.30 23.22 -8.46
C PRO A 299 -4.75 22.24 -9.50
N LEU A 300 -5.67 22.65 -10.32
CA LEU A 300 -6.30 21.86 -11.35
C LEU A 300 -5.51 21.69 -12.61
N ALA A 301 -4.69 22.64 -12.98
CA ALA A 301 -3.85 22.57 -14.17
C ALA A 301 -2.81 21.45 -13.92
N LEU A 302 -2.44 21.27 -12.70
CA LEU A 302 -1.53 20.39 -11.99
C LEU A 302 -1.90 18.92 -11.96
N VAL A 303 -3.20 18.69 -11.70
CA VAL A 303 -3.72 17.32 -11.71
C VAL A 303 -3.88 16.92 -13.17
N LYS A 304 -4.08 17.91 -14.04
CA LYS A 304 -4.29 17.55 -15.47
C LYS A 304 -2.99 17.05 -16.09
N ASP A 305 -1.88 17.62 -15.74
CA ASP A 305 -0.51 17.29 -16.20
C ASP A 305 -0.01 15.97 -15.62
N LEU A 306 -0.30 15.67 -14.38
CA LEU A 306 0.12 14.38 -13.75
C LEU A 306 -0.79 13.29 -14.35
N LYS A 307 -2.06 13.61 -14.56
CA LYS A 307 -2.98 12.60 -15.13
C LYS A 307 -2.62 12.46 -16.62
N ALA A 308 -2.07 13.44 -17.29
CA ALA A 308 -1.78 13.29 -18.73
C ALA A 308 -0.41 12.70 -19.04
N ASN A 309 0.56 13.08 -18.28
CA ASN A 309 1.98 12.72 -18.28
C ASN A 309 2.20 11.92 -17.01
N GLY A 310 3.36 11.46 -16.64
CA GLY A 310 3.27 10.72 -15.28
C GLY A 310 4.34 11.37 -14.39
N ALA A 311 4.62 10.74 -13.29
CA ALA A 311 5.66 11.23 -12.37
C ALA A 311 6.66 10.05 -12.49
N ASN A 312 7.89 10.42 -12.39
CA ASN A 312 9.02 9.48 -12.39
C ASN A 312 9.39 9.57 -10.88
N THR A 313 9.33 8.43 -10.24
CA THR A 313 9.53 8.31 -8.82
C THR A 313 10.45 7.25 -8.27
N VAL A 314 10.68 7.51 -7.00
CA VAL A 314 11.46 6.71 -6.05
C VAL A 314 10.84 5.34 -5.86
N ILE A 315 9.56 5.35 -6.17
CA ILE A 315 8.59 4.27 -6.14
C ILE A 315 8.33 3.76 -7.56
N GLY A 316 9.10 4.21 -8.54
CA GLY A 316 8.92 3.79 -9.94
C GLY A 316 8.18 4.84 -10.73
N PRO A 317 7.88 4.53 -11.98
CA PRO A 317 7.09 5.45 -12.82
C PRO A 317 5.62 5.26 -12.41
N LEU A 318 4.93 6.37 -12.23
CA LEU A 318 3.52 6.40 -11.90
C LEU A 318 2.65 6.99 -13.01
N ASN A 319 1.49 6.33 -13.07
CA ASN A 319 0.45 6.73 -14.05
C ASN A 319 -0.85 6.79 -13.24
N TRP A 320 -1.72 7.72 -13.55
CA TRP A 320 -2.96 7.79 -12.77
C TRP A 320 -4.14 7.66 -13.71
N ASP A 321 -5.23 7.10 -13.17
CA ASP A 321 -6.47 7.01 -13.99
C ASP A 321 -7.11 8.41 -13.89
N GLU A 322 -8.19 8.66 -14.58
CA GLU A 322 -8.88 9.98 -14.53
C GLU A 322 -9.57 10.29 -13.21
N LYS A 323 -9.64 9.28 -12.36
CA LYS A 323 -10.23 9.35 -11.02
C LYS A 323 -9.16 9.60 -9.97
N GLY A 324 -7.89 9.53 -10.32
CA GLY A 324 -6.82 9.82 -9.42
C GLY A 324 -6.21 8.68 -8.63
N ASP A 325 -6.44 7.48 -9.08
CA ASP A 325 -5.92 6.23 -8.57
C ASP A 325 -4.71 5.91 -9.47
N LEU A 326 -3.78 5.13 -8.92
CA LEU A 326 -2.62 4.71 -9.73
C LEU A 326 -3.13 3.58 -10.68
N LYS A 327 -2.54 3.57 -11.87
CA LYS A 327 -2.81 2.54 -12.86
C LYS A 327 -1.45 1.74 -12.82
N GLY A 328 -1.57 0.47 -13.09
CA GLY A 328 -0.41 -0.40 -13.19
C GLY A 328 0.48 -0.57 -11.98
N PHE A 329 0.01 -0.20 -10.83
CA PHE A 329 0.69 -0.31 -9.56
C PHE A 329 0.66 -1.71 -9.00
N ASP A 330 1.80 -2.31 -8.73
CA ASP A 330 1.80 -3.67 -8.15
C ASP A 330 2.58 -3.75 -6.81
N PHE A 331 2.18 -4.70 -6.04
CA PHE A 331 2.74 -5.19 -4.77
C PHE A 331 3.80 -6.26 -5.13
N GLY A 332 4.70 -6.64 -4.26
CA GLY A 332 5.68 -7.70 -4.60
C GLY A 332 5.19 -9.04 -3.99
N VAL A 333 5.83 -10.11 -4.49
CA VAL A 333 5.66 -11.46 -4.03
C VAL A 333 6.90 -11.78 -3.13
N PHE A 334 6.66 -12.30 -1.95
CA PHE A 334 7.77 -12.61 -1.01
C PHE A 334 7.63 -14.03 -0.50
N GLN A 335 8.78 -14.67 -0.32
CA GLN A 335 8.75 -16.08 0.21
C GLN A 335 9.12 -15.99 1.68
N TRP A 336 8.33 -16.49 2.58
CA TRP A 336 8.49 -16.41 4.02
C TRP A 336 9.38 -17.48 4.60
N HIS A 337 9.92 -17.16 5.77
CA HIS A 337 10.87 -18.01 6.48
C HIS A 337 10.52 -18.30 7.90
N ALA A 338 10.98 -19.46 8.40
CA ALA A 338 10.69 -19.79 9.81
C ALA A 338 11.22 -18.73 10.76
N ASP A 339 12.05 -17.83 10.30
CA ASP A 339 12.61 -16.85 11.26
C ASP A 339 11.84 -15.55 11.31
N GLY A 340 10.92 -15.39 10.36
CA GLY A 340 10.07 -14.22 10.29
C GLY A 340 10.60 -13.24 9.27
N SER A 341 11.64 -13.69 8.59
CA SER A 341 12.31 -12.92 7.53
C SER A 341 11.69 -13.26 6.18
N SER A 342 11.97 -12.50 5.17
CA SER A 342 11.44 -12.55 3.84
C SER A 342 12.29 -12.35 2.61
N THR A 343 12.41 -13.36 1.76
CA THR A 343 13.16 -13.14 0.49
C THR A 343 12.19 -12.72 -0.61
N LYS A 344 12.48 -11.80 -1.50
CA LYS A 344 11.47 -11.51 -2.58
C LYS A 344 11.47 -12.75 -3.48
N ALA A 345 10.38 -13.13 -4.10
CA ALA A 345 10.30 -14.34 -4.89
C ALA A 345 10.46 -14.30 -6.40
N LYS A 346 10.84 -15.51 -6.84
CA LYS A 346 11.10 -15.87 -8.23
C LYS A 346 9.90 -15.53 -9.11
#